data_5FMT
#
_entry.id   5FMT
#
_cell.length_a   57.570
_cell.length_b   145.460
_cell.length_c   147.990
_cell.angle_alpha   90.00
_cell.angle_beta   90.00
_cell.angle_gamma   90.00
#
_symmetry.space_group_name_H-M   'F 2 2 2'
#
loop_
_entity.id
_entity.type
_entity.pdbx_description
1 polymer 'FLAGELLAR ASSOCIATED PROTEIN'
2 non-polymer 'SULFATE ION'
3 non-polymer (4S)-2-METHYL-2,4-PENTANEDIOL
4 non-polymer GLYCEROL
5 water water
#
_entity_poly.entity_id   1
_entity_poly.type   'polypeptide(L)'
_entity_poly.pdbx_seq_one_letter_code
;GAASMCDNWQATIDTLQGASPVFDKPKLSQKLLEKPPFRFLHDVVTAVQQATGFAPGLYQGDELDGKAIQEKDAKVAYLK
KIIEVVSMVLGEQCPARPNKIVAGLEPENTNIFLQMLGRACQKGNGAKAVQKVLGGGG
;
_entity_poly.pdbx_strand_id   A,B
#
# COMPACT_ATOMS: atom_id res chain seq x y z
N GLY A 1 6.30 -14.03 9.86
CA GLY A 1 6.18 -13.61 11.25
C GLY A 1 5.23 -12.45 11.45
N ALA A 2 5.40 -11.73 12.55
CA ALA A 2 4.49 -10.69 12.99
C ALA A 2 4.44 -9.49 12.05
N ALA A 3 5.47 -9.33 11.22
CA ALA A 3 5.52 -8.24 10.23
C ALA A 3 4.75 -8.55 8.94
N SER A 4 4.74 -9.82 8.51
CA SER A 4 4.05 -10.25 7.28
C SER A 4 2.58 -9.86 7.31
N MET A 5 2.03 -9.54 6.14
CA MET A 5 0.63 -9.16 5.98
C MET A 5 -0.28 -10.37 5.85
N CYS A 6 0.31 -11.55 5.76
CA CYS A 6 -0.46 -12.80 5.70
CA CYS A 6 -0.48 -12.80 5.70
C CYS A 6 -1.38 -12.92 6.91
N ASP A 7 -2.64 -13.25 6.67
CA ASP A 7 -3.63 -13.38 7.75
CA ASP A 7 -3.66 -13.36 7.72
C ASP A 7 -3.83 -12.10 8.55
N ASN A 8 -3.56 -10.92 7.97
CA ASN A 8 -3.75 -9.68 8.77
C ASN A 8 -5.22 -9.33 9.00
N TRP A 9 -6.14 -10.15 8.48
CA TRP A 9 -7.53 -10.04 8.90
C TRP A 9 -7.66 -10.22 10.41
N GLN A 10 -6.76 -10.98 11.01
CA GLN A 10 -6.79 -11.15 12.47
C GLN A 10 -6.50 -9.82 13.19
N ALA A 11 -5.61 -9.01 12.63
CA ALA A 11 -5.34 -7.69 13.21
C ALA A 11 -6.53 -6.76 12.99
N THR A 12 -7.25 -6.95 11.89
CA THR A 12 -8.42 -6.12 11.62
C THR A 12 -9.49 -6.37 12.69
N ILE A 13 -9.73 -7.65 12.96
CA ILE A 13 -10.74 -8.04 13.94
C ILE A 13 -10.35 -7.53 15.32
N ASP A 14 -9.06 -7.56 15.63
CA ASP A 14 -8.64 -7.11 16.95
C ASP A 14 -8.68 -5.60 17.10
N THR A 15 -8.39 -4.88 16.01
CA THR A 15 -8.47 -3.42 15.97
C THR A 15 -9.93 -2.92 16.06
N LEU A 16 -10.83 -3.53 15.29
CA LEU A 16 -12.23 -3.06 15.23
C LEU A 16 -13.18 -3.75 16.21
N GLN A 17 -12.93 -5.02 16.52
CA GLN A 17 -13.82 -5.75 17.39
C GLN A 17 -13.07 -6.57 18.43
N GLY A 18 -12.14 -5.91 19.10
CA GLY A 18 -11.37 -6.57 20.14
C GLY A 18 -11.95 -6.31 21.52
N ALA A 19 -11.04 -6.04 22.46
CA ALA A 19 -11.39 -5.85 23.86
C ALA A 19 -12.37 -4.71 24.07
N SER A 20 -12.07 -3.56 23.48
CA SER A 20 -13.02 -2.45 23.40
C SER A 20 -13.44 -2.25 21.94
N PRO A 21 -14.51 -2.94 21.51
CA PRO A 21 -14.98 -2.89 20.12
C PRO A 21 -15.30 -1.48 19.64
N VAL A 22 -14.96 -1.21 18.39
CA VAL A 22 -15.39 0.03 17.76
C VAL A 22 -16.89 -0.08 17.45
N PHE A 23 -17.31 -1.23 16.94
CA PHE A 23 -18.72 -1.46 16.64
C PHE A 23 -19.02 -2.94 16.81
N ASP A 24 -20.29 -3.29 16.97
CA ASP A 24 -20.67 -4.68 17.15
C ASP A 24 -21.23 -5.30 15.86
N LYS A 25 -21.90 -4.51 15.04
CA LYS A 25 -22.48 -5.01 13.80
C LYS A 25 -21.94 -4.22 12.61
N PRO A 26 -21.54 -4.93 11.55
CA PRO A 26 -21.58 -6.39 11.37
C PRO A 26 -20.50 -7.14 12.14
N LYS A 27 -20.76 -8.40 12.46
CA LYS A 27 -19.73 -9.26 13.06
C LYS A 27 -18.69 -9.55 11.99
N LEU A 28 -17.44 -9.26 12.31
CA LEU A 28 -16.36 -9.50 11.36
C LEU A 28 -16.01 -10.99 11.37
N SER A 29 -15.52 -11.49 10.24
CA SER A 29 -15.14 -12.89 10.13
C SER A 29 -13.98 -13.04 9.16
N GLN A 30 -13.24 -14.12 9.27
CA GLN A 30 -12.19 -14.43 8.29
C GLN A 30 -12.72 -14.46 6.87
N LYS A 31 -13.89 -15.09 6.68
CA LYS A 31 -14.50 -15.23 5.35
C LYS A 31 -14.68 -13.87 4.66
N LEU A 32 -15.31 -12.93 5.36
CA LEU A 32 -15.58 -11.61 4.79
C LEU A 32 -14.30 -10.81 4.58
N LEU A 33 -13.37 -10.89 5.52
CA LEU A 33 -12.16 -10.09 5.41
C LEU A 33 -11.13 -10.63 4.40
N GLU A 34 -11.24 -11.91 4.05
CA GLU A 34 -10.36 -12.48 3.01
C GLU A 34 -10.83 -12.21 1.59
N LYS A 35 -12.13 -12.03 1.44
CA LYS A 35 -12.71 -11.72 0.14
C LYS A 35 -13.83 -10.68 0.36
N PRO A 36 -13.44 -9.42 0.59
CA PRO A 36 -14.40 -8.40 1.06
C PRO A 36 -15.27 -7.87 -0.06
N PRO A 37 -16.58 -8.17 0.01
CA PRO A 37 -17.52 -7.61 -0.93
C PRO A 37 -17.68 -6.12 -0.67
N PHE A 38 -18.04 -5.35 -1.70
CA PHE A 38 -18.24 -3.93 -1.51
C PHE A 38 -19.28 -3.65 -0.43
N ARG A 39 -20.45 -4.31 -0.51
CA ARG A 39 -21.51 -4.05 0.47
C ARG A 39 -21.03 -4.22 1.92
N PHE A 40 -20.20 -5.23 2.16
CA PHE A 40 -19.64 -5.45 3.49
C PHE A 40 -18.73 -4.29 3.88
N LEU A 41 -17.93 -3.80 2.94
CA LEU A 41 -17.05 -2.67 3.24
C LEU A 41 -17.87 -1.41 3.51
N HIS A 42 -18.98 -1.28 2.79
CA HIS A 42 -19.87 -0.14 3.02
C HIS A 42 -20.49 -0.26 4.42
N ASP A 43 -20.86 -1.48 4.80
CA ASP A 43 -21.40 -1.75 6.13
C ASP A 43 -20.41 -1.37 7.24
N VAL A 44 -19.16 -1.75 7.06
CA VAL A 44 -18.12 -1.50 8.05
C VAL A 44 -17.82 0.02 8.18
N VAL A 45 -17.67 0.72 7.05
CA VAL A 45 -17.45 2.17 7.09
C VAL A 45 -18.64 2.85 7.77
N THR A 46 -19.85 2.49 7.36
CA THR A 46 -21.06 3.01 8.00
C THR A 46 -21.13 2.71 9.49
N ALA A 47 -20.76 1.48 9.87
CA ALA A 47 -20.79 1.09 11.27
C ALA A 47 -19.79 1.92 12.07
N VAL A 48 -18.62 2.18 11.51
CA VAL A 48 -17.63 3.03 12.20
C VAL A 48 -18.18 4.44 12.35
N GLN A 49 -18.72 4.99 11.26
CA GLN A 49 -19.33 6.32 11.31
C GLN A 49 -20.44 6.40 12.35
N GLN A 50 -21.30 5.40 12.41
CA GLN A 50 -22.40 5.39 13.38
C GLN A 50 -21.94 5.22 14.80
N ALA A 51 -20.85 4.50 15.01
CA ALA A 51 -20.42 4.21 16.37
C ALA A 51 -19.49 5.29 16.93
N THR A 52 -18.86 6.07 16.06
CA THR A 52 -17.85 7.01 16.53
C THR A 52 -18.07 8.44 16.06
N GLY A 53 -18.98 8.60 15.10
CA GLY A 53 -19.21 9.91 14.49
C GLY A 53 -18.17 10.28 13.46
N PHE A 54 -17.35 9.32 13.07
CA PHE A 54 -16.26 9.60 12.14
C PHE A 54 -16.73 10.08 10.77
N ALA A 55 -15.95 11.02 10.23
CA ALA A 55 -16.17 11.65 8.94
C ALA A 55 -17.55 12.23 8.78
N PRO A 56 -17.95 13.12 9.69
CA PRO A 56 -19.30 13.66 9.56
C PRO A 56 -19.44 14.45 8.27
N GLY A 57 -20.55 14.28 7.58
CA GLY A 57 -20.82 15.01 6.36
C GLY A 57 -20.12 14.54 5.09
N LEU A 58 -19.39 13.44 5.15
CA LEU A 58 -18.66 12.95 4.00
C LEU A 58 -19.60 12.49 2.91
N TYR A 59 -20.67 11.82 3.34
CA TYR A 59 -21.60 11.20 2.40
C TYR A 59 -23.03 11.70 2.54
N GLN A 60 -23.76 11.67 1.44
CA GLN A 60 -25.19 11.91 1.48
C GLN A 60 -25.88 11.33 0.26
N GLY A 61 -27.21 11.30 0.31
CA GLY A 61 -27.99 10.75 -0.79
C GLY A 61 -27.67 9.28 -0.94
N ASP A 62 -27.41 8.88 -2.18
CA ASP A 62 -27.18 7.48 -2.52
C ASP A 62 -25.94 6.88 -1.84
N GLU A 63 -24.94 7.72 -1.54
CA GLU A 63 -23.72 7.25 -0.88
C GLU A 63 -24.02 6.65 0.49
N LEU A 64 -25.06 7.17 1.15
CA LEU A 64 -25.48 6.68 2.45
C LEU A 64 -26.20 5.34 2.37
N ASP A 65 -26.68 5.03 1.17
CA ASP A 65 -27.56 3.89 0.95
C ASP A 65 -26.83 2.76 0.21
N GLY A 66 -26.34 1.77 0.95
CA GLY A 66 -25.58 0.69 0.34
C GLY A 66 -26.24 0.03 -0.88
N LYS A 67 -27.54 -0.16 -0.83
CA LYS A 67 -28.20 -0.86 -1.94
C LYS A 67 -28.35 0.02 -3.17
N ALA A 68 -28.20 1.33 -2.98
CA ALA A 68 -28.26 2.25 -4.09
C ALA A 68 -26.94 2.37 -4.85
N ILE A 69 -25.87 1.79 -4.34
CA ILE A 69 -24.54 1.92 -4.99
C ILE A 69 -24.21 0.68 -5.81
N GLN A 70 -24.59 0.66 -7.09
CA GLN A 70 -24.41 -0.56 -7.87
C GLN A 70 -23.36 -0.49 -8.96
N GLU A 71 -23.18 0.70 -9.52
CA GLU A 71 -22.20 0.98 -10.56
C GLU A 71 -20.75 0.94 -10.03
N LYS A 72 -19.84 0.35 -10.81
CA LYS A 72 -18.42 0.27 -10.41
C LYS A 72 -17.86 1.65 -10.12
N ASP A 73 -18.19 2.62 -10.98
CA ASP A 73 -17.68 3.99 -10.83
C ASP A 73 -18.10 4.61 -9.51
N ALA A 74 -19.33 4.34 -9.11
CA ALA A 74 -19.89 4.83 -7.84
C ALA A 74 -19.22 4.19 -6.61
N LYS A 75 -18.95 2.89 -6.72
CA LYS A 75 -18.26 2.15 -5.68
C LYS A 75 -16.85 2.73 -5.49
N VAL A 76 -16.18 2.99 -6.60
CA VAL A 76 -14.82 3.54 -6.57
C VAL A 76 -14.82 4.92 -5.92
N ALA A 77 -15.82 5.74 -6.27
CA ALA A 77 -15.90 7.11 -5.76
C ALA A 77 -16.16 7.12 -4.26
N TYR A 78 -16.99 6.19 -3.80
CA TYR A 78 -17.31 6.09 -2.40
C TYR A 78 -16.06 5.76 -1.59
N LEU A 79 -15.32 4.75 -2.04
CA LEU A 79 -14.09 4.32 -1.38
C LEU A 79 -13.00 5.38 -1.39
N LYS A 80 -12.84 6.05 -2.52
CA LYS A 80 -11.85 7.12 -2.66
C LYS A 80 -12.02 8.18 -1.57
N LYS A 81 -13.27 8.59 -1.34
CA LYS A 81 -13.59 9.52 -0.25
C LYS A 81 -13.07 9.08 1.11
N ILE A 82 -13.54 7.93 1.60
CA ILE A 82 -13.16 7.51 2.95
C ILE A 82 -11.67 7.21 3.05
N ILE A 83 -11.05 6.71 1.98
CA ILE A 83 -9.60 6.46 2.03
C ILE A 83 -8.81 7.78 2.17
N GLU A 84 -9.21 8.81 1.44
CA GLU A 84 -8.55 10.11 1.56
C GLU A 84 -8.73 10.72 2.94
N VAL A 85 -9.94 10.65 3.48
CA VAL A 85 -10.18 11.19 4.83
C VAL A 85 -9.35 10.46 5.88
N VAL A 86 -9.34 9.12 5.84
CA VAL A 86 -8.53 8.35 6.80
C VAL A 86 -7.05 8.71 6.67
N SER A 87 -6.57 8.83 5.44
CA SER A 87 -5.16 9.14 5.20
C SER A 87 -4.79 10.52 5.76
N MET A 88 -5.68 11.48 5.55
N MET A 88 -5.69 11.48 5.55
CA MET A 88 -5.48 12.85 6.02
CA MET A 88 -5.47 12.84 6.02
C MET A 88 -5.50 12.94 7.53
C MET A 88 -5.50 12.94 7.53
N VAL A 89 -6.45 12.25 8.16
CA VAL A 89 -6.53 12.24 9.61
C VAL A 89 -5.24 11.66 10.21
N LEU A 90 -4.72 10.60 9.61
CA LEU A 90 -3.54 9.91 10.17
C LEU A 90 -2.22 10.51 9.68
N GLY A 91 -2.28 11.25 8.58
CA GLY A 91 -1.09 11.78 7.95
C GLY A 91 -0.23 10.65 7.38
N GLU A 92 -0.91 9.63 6.85
CA GLU A 92 -0.24 8.46 6.25
C GLU A 92 -0.92 8.09 4.94
N GLN A 93 -0.14 7.74 3.92
CA GLN A 93 -0.73 7.24 2.67
C GLN A 93 -1.26 5.81 2.85
N CYS A 94 -2.58 5.65 2.79
CA CYS A 94 -3.18 4.32 2.85
C CYS A 94 -2.82 3.54 1.57
N PRO A 95 -2.34 2.30 1.72
CA PRO A 95 -1.92 1.57 0.52
C PRO A 95 -3.11 1.08 -0.34
N ALA A 96 -4.32 1.01 0.23
CA ALA A 96 -5.45 0.46 -0.53
C ALA A 96 -5.85 1.40 -1.67
N ARG A 97 -6.01 0.84 -2.87
CA ARG A 97 -6.52 1.58 -4.02
C ARG A 97 -7.95 1.15 -4.32
N PRO A 98 -8.87 2.12 -4.51
CA PRO A 98 -10.28 1.83 -4.75
C PRO A 98 -10.52 0.84 -5.88
N ASN A 99 -9.81 0.96 -7.00
CA ASN A 99 -10.06 0.04 -8.11
C ASN A 99 -9.67 -1.39 -7.78
N LYS A 100 -8.60 -1.56 -6.99
CA LYS A 100 -8.21 -2.89 -6.52
CA LYS A 100 -8.23 -2.90 -6.54
C LYS A 100 -9.27 -3.46 -5.60
N ILE A 101 -9.73 -2.63 -4.66
CA ILE A 101 -10.75 -3.06 -3.72
C ILE A 101 -12.00 -3.55 -4.43
N VAL A 102 -12.52 -2.75 -5.35
CA VAL A 102 -13.73 -3.08 -6.07
CA VAL A 102 -13.76 -3.11 -6.02
C VAL A 102 -13.56 -4.40 -6.84
N ALA A 103 -12.33 -4.67 -7.27
CA ALA A 103 -12.04 -5.92 -8.00
C ALA A 103 -11.79 -7.14 -7.09
N GLY A 104 -11.72 -6.92 -5.77
CA GLY A 104 -11.47 -8.01 -4.85
C GLY A 104 -9.97 -8.29 -4.69
N LEU A 105 -9.14 -7.45 -5.29
CA LEU A 105 -7.69 -7.67 -5.24
C LEU A 105 -7.04 -7.07 -3.98
N GLU A 106 -5.78 -7.45 -3.75
CA GLU A 106 -5.01 -7.04 -2.55
C GLU A 106 -5.83 -6.97 -1.27
N PRO A 107 -6.51 -8.07 -0.90
CA PRO A 107 -7.37 -7.97 0.29
C PRO A 107 -6.56 -7.63 1.56
N GLU A 108 -5.27 -7.96 1.58
CA GLU A 108 -4.48 -7.59 2.76
C GLU A 108 -4.32 -6.07 2.83
N ASN A 109 -4.32 -5.38 1.68
CA ASN A 109 -4.30 -3.91 1.74
C ASN A 109 -5.65 -3.34 2.12
N THR A 110 -6.72 -4.02 1.69
CA THR A 110 -8.05 -3.63 2.15
C THR A 110 -8.13 -3.75 3.66
N ASN A 111 -7.48 -4.78 4.20
CA ASN A 111 -7.43 -4.92 5.66
C ASN A 111 -6.60 -3.81 6.33
N ILE A 112 -5.51 -3.40 5.71
CA ILE A 112 -4.77 -2.24 6.22
C ILE A 112 -5.63 -0.97 6.22
N PHE A 113 -6.41 -0.75 5.17
CA PHE A 113 -7.32 0.38 5.15
C PHE A 113 -8.28 0.29 6.34
N LEU A 114 -8.86 -0.88 6.58
CA LEU A 114 -9.80 -1.04 7.69
C LEU A 114 -9.14 -0.82 9.06
N GLN A 115 -7.92 -1.30 9.20
CA GLN A 115 -7.16 -1.04 10.43
C GLN A 115 -6.87 0.44 10.61
N MET A 116 -6.55 1.12 9.51
CA MET A 116 -6.30 2.56 9.54
C MET A 116 -7.55 3.35 9.86
N LEU A 117 -8.68 2.91 9.31
CA LEU A 117 -10.00 3.45 9.63
C LEU A 117 -10.24 3.41 11.13
N GLY A 118 -9.93 2.25 11.73
CA GLY A 118 -10.02 2.06 13.16
C GLY A 118 -9.15 3.01 13.95
N ARG A 119 -7.93 3.22 13.47
CA ARG A 119 -7.01 4.08 14.17
C ARG A 119 -7.42 5.55 13.99
N ALA A 120 -7.93 5.89 12.81
CA ALA A 120 -8.28 7.28 12.51
C ALA A 120 -9.50 7.73 13.31
N CYS A 121 -10.50 6.85 13.42
CA CYS A 121 -11.73 7.22 14.13
C CYS A 121 -11.51 7.37 15.63
N GLN A 122 -10.40 6.85 16.13
CA GLN A 122 -10.06 7.02 17.53
C GLN A 122 -9.11 8.19 17.75
N LYS A 123 -8.58 8.75 16.66
CA LYS A 123 -7.73 9.92 16.72
C LYS A 123 -8.54 11.21 16.69
N GLY A 124 -9.63 11.20 15.92
CA GLY A 124 -10.46 12.38 15.80
C GLY A 124 -11.63 12.10 14.89
N ASN A 125 -12.56 13.04 14.79
CA ASN A 125 -13.74 12.84 13.95
C ASN A 125 -13.49 13.10 12.47
N GLY A 126 -12.34 13.69 12.14
CA GLY A 126 -12.03 13.99 10.76
C GLY A 126 -12.90 15.03 10.07
N ALA A 127 -13.55 15.88 10.84
CA ALA A 127 -14.48 16.87 10.28
C ALA A 127 -13.80 17.80 9.29
N LYS A 128 -12.62 18.32 9.64
CA LYS A 128 -11.94 19.20 8.71
C LYS A 128 -11.40 18.48 7.50
N ALA A 129 -10.92 17.24 7.67
CA ALA A 129 -10.47 16.46 6.51
C ALA A 129 -11.61 16.26 5.52
N VAL A 130 -12.81 16.00 6.03
CA VAL A 130 -13.96 15.82 5.15
C VAL A 130 -14.18 17.06 4.30
N GLN A 131 -14.14 18.23 4.92
CA GLN A 131 -14.36 19.47 4.18
C GLN A 131 -13.24 19.68 3.15
N LYS A 132 -12.02 19.27 3.49
CA LYS A 132 -10.91 19.33 2.53
C LYS A 132 -11.10 18.37 1.35
N VAL A 133 -11.56 17.15 1.64
CA VAL A 133 -11.78 16.15 0.60
C VAL A 133 -12.93 16.53 -0.32
N LEU A 134 -13.99 17.08 0.27
CA LEU A 134 -15.16 17.52 -0.51
C LEU A 134 -14.83 18.70 -1.41
N SER B 4 -4.76 -13.28 -3.29
CA SER B 4 -4.06 -13.04 -2.02
C SER B 4 -2.59 -12.66 -2.23
N MET B 5 -2.08 -11.78 -1.36
CA MET B 5 -0.69 -11.31 -1.43
C MET B 5 0.28 -12.24 -0.68
N CYS B 6 -0.27 -13.23 0.02
CA CYS B 6 0.54 -14.22 0.72
CA CYS B 6 0.55 -14.21 0.71
C CYS B 6 1.52 -14.90 -0.24
N ASP B 7 2.78 -15.00 0.19
CA ASP B 7 3.82 -15.60 -0.63
CA ASP B 7 3.85 -15.57 -0.61
C ASP B 7 4.02 -14.88 -1.98
N ASN B 8 3.65 -13.60 -2.07
CA ASN B 8 3.88 -12.91 -3.36
C ASN B 8 5.37 -12.68 -3.68
N TRP B 9 6.27 -13.05 -2.76
CA TRP B 9 7.70 -13.07 -3.09
C TRP B 9 7.96 -13.98 -4.29
N GLN B 10 7.13 -15.01 -4.47
CA GLN B 10 7.28 -15.88 -5.62
C GLN B 10 7.06 -15.16 -6.94
N ALA B 11 6.09 -14.25 -6.98
CA ALA B 11 5.88 -13.40 -8.16
C ALA B 11 7.05 -12.43 -8.37
N THR B 12 7.66 -11.99 -7.29
CA THR B 12 8.81 -11.06 -7.39
C THR B 12 9.97 -11.76 -8.10
N ILE B 13 10.26 -12.97 -7.65
CA ILE B 13 11.35 -13.75 -8.22
C ILE B 13 11.09 -14.00 -9.68
N ASP B 14 9.84 -14.28 -10.05
CA ASP B 14 9.53 -14.59 -11.43
C ASP B 14 9.57 -13.34 -12.30
N THR B 15 9.17 -12.20 -11.73
CA THR B 15 9.15 -10.93 -12.45
C THR B 15 10.59 -10.45 -12.71
N LEU B 16 11.45 -10.52 -11.71
CA LEU B 16 12.82 -10.01 -11.84
C LEU B 16 13.86 -11.06 -12.30
N GLN B 17 13.67 -12.31 -11.92
CA GLN B 17 14.62 -13.38 -12.28
C GLN B 17 13.97 -14.63 -12.83
N GLY B 18 13.04 -14.46 -13.74
CA GLY B 18 12.38 -15.60 -14.34
C GLY B 18 13.03 -16.01 -15.65
N ALA B 19 12.19 -16.33 -16.62
CA ALA B 19 12.62 -16.87 -17.91
C ALA B 19 13.60 -15.94 -18.62
N SER B 20 13.24 -14.65 -18.66
CA SER B 20 14.16 -13.62 -19.14
C SER B 20 14.48 -12.67 -18.00
N PRO B 21 15.54 -12.98 -17.23
CA PRO B 21 15.86 -12.22 -16.01
C PRO B 21 16.12 -10.74 -16.28
N VAL B 22 15.67 -9.89 -15.37
CA VAL B 22 16.04 -8.49 -15.42
C VAL B 22 17.50 -8.33 -15.01
N PHE B 23 17.91 -9.08 -13.98
CA PHE B 23 19.30 -9.04 -13.53
C PHE B 23 19.62 -10.39 -12.92
N ASP B 24 20.91 -10.73 -12.87
CA ASP B 24 21.35 -11.99 -12.26
C ASP B 24 21.83 -11.86 -10.81
N LYS B 25 22.47 -10.73 -10.48
CA LYS B 25 22.97 -10.51 -9.12
C LYS B 25 22.32 -9.27 -8.53
N PRO B 26 21.85 -9.36 -7.27
CA PRO B 26 21.91 -10.51 -6.37
C PRO B 26 20.89 -11.59 -6.69
N LYS B 27 21.20 -12.83 -6.29
CA LYS B 27 20.24 -13.91 -6.41
C LYS B 27 19.12 -13.65 -5.41
N LEU B 28 17.89 -13.63 -5.89
CA LEU B 28 16.76 -13.42 -5.00
C LEU B 28 16.45 -14.73 -4.27
N SER B 29 15.87 -14.61 -3.08
CA SER B 29 15.50 -15.78 -2.28
C SER B 29 14.28 -15.45 -1.45
N GLN B 30 13.55 -16.49 -1.03
CA GLN B 30 12.44 -16.30 -0.10
C GLN B 30 12.88 -15.58 1.16
N LYS B 31 14.03 -15.97 1.72
CA LYS B 31 14.54 -15.39 2.96
C LYS B 31 14.65 -13.87 2.88
N LEU B 32 15.32 -13.40 1.84
CA LEU B 32 15.54 -11.97 1.65
C LEU B 32 14.23 -11.24 1.34
N LEU B 33 13.38 -11.84 0.52
CA LEU B 33 12.12 -11.17 0.15
C LEU B 33 11.05 -11.17 1.24
N GLU B 34 11.14 -12.08 2.21
CA GLU B 34 10.22 -12.06 3.35
C GLU B 34 10.60 -11.09 4.46
N LYS B 35 11.89 -10.80 4.58
CA LYS B 35 12.37 -9.83 5.54
C LYS B 35 13.46 -8.99 4.88
N PRO B 36 13.07 -8.07 3.97
CA PRO B 36 14.05 -7.36 3.13
C PRO B 36 14.86 -6.29 3.86
N PRO B 37 16.18 -6.52 4.01
CA PRO B 37 17.03 -5.50 4.62
C PRO B 37 17.21 -4.35 3.63
N PHE B 38 17.46 -3.16 4.17
CA PHE B 38 17.64 -2.02 3.29
C PHE B 38 18.76 -2.27 2.27
N ARG B 39 19.90 -2.79 2.72
CA ARG B 39 21.04 -2.96 1.82
C ARG B 39 20.67 -3.88 0.64
N PHE B 40 19.86 -4.90 0.91
CA PHE B 40 19.39 -5.80 -0.14
C PHE B 40 18.51 -5.05 -1.14
N LEU B 41 17.63 -4.20 -0.62
CA LEU B 41 16.77 -3.40 -1.49
C LEU B 41 17.60 -2.44 -2.33
N HIS B 42 18.66 -1.90 -1.72
CA HIS B 42 19.54 -0.98 -2.44
C HIS B 42 20.26 -1.75 -3.55
N ASP B 43 20.67 -2.98 -3.23
CA ASP B 43 21.29 -3.87 -4.22
C ASP B 43 20.37 -4.15 -5.42
N VAL B 44 19.11 -4.46 -5.12
CA VAL B 44 18.17 -4.77 -6.18
C VAL B 44 17.85 -3.55 -7.05
N VAL B 45 17.58 -2.40 -6.44
CA VAL B 45 17.36 -1.18 -7.23
C VAL B 45 18.60 -0.87 -8.10
N THR B 46 19.78 -0.91 -7.50
CA THR B 46 21.01 -0.70 -8.26
C THR B 46 21.18 -1.72 -9.38
N ALA B 47 20.84 -2.98 -9.09
CA ALA B 47 20.98 -4.03 -10.09
C ALA B 47 20.06 -3.80 -11.28
N VAL B 48 18.82 -3.37 -11.02
CA VAL B 48 17.90 -3.02 -12.09
C VAL B 48 18.44 -1.83 -12.88
N GLN B 49 18.84 -0.78 -12.19
CA GLN B 49 19.43 0.37 -12.86
C GLN B 49 20.60 -0.04 -13.77
N GLN B 50 21.49 -0.88 -13.27
CA GLN B 50 22.67 -1.28 -14.03
C GLN B 50 22.32 -2.17 -15.22
N ALA B 51 21.28 -2.98 -15.08
CA ALA B 51 20.96 -3.94 -16.13
C ALA B 51 20.09 -3.33 -17.20
N THR B 52 19.32 -2.30 -16.85
CA THR B 52 18.33 -1.79 -17.81
C THR B 52 18.50 -0.31 -18.12
N GLY B 53 19.33 0.39 -17.34
CA GLY B 53 19.48 1.82 -17.47
C GLY B 53 18.35 2.62 -16.84
N PHE B 54 17.51 1.95 -16.04
CA PHE B 54 16.36 2.61 -15.44
C PHE B 54 16.73 3.75 -14.49
N ALA B 55 15.90 4.77 -14.52
CA ALA B 55 16.01 5.97 -13.70
C ALA B 55 17.40 6.61 -13.78
N PRO B 56 17.85 6.93 -15.00
CA PRO B 56 19.17 7.55 -15.11
C PRO B 56 19.20 8.88 -14.38
N GLY B 57 20.27 9.14 -13.64
CA GLY B 57 20.42 10.41 -12.95
C GLY B 57 19.65 10.61 -11.66
N LEU B 58 18.96 9.57 -11.19
CA LEU B 58 18.14 9.70 -9.98
C LEU B 58 19.02 9.93 -8.76
N TYR B 59 20.14 9.22 -8.73
CA TYR B 59 21.00 9.19 -7.55
C TYR B 59 22.43 9.62 -7.84
N GLN B 60 23.06 10.26 -6.85
CA GLN B 60 24.50 10.49 -6.92
C GLN B 60 25.11 10.59 -5.52
N GLY B 61 26.44 10.61 -5.49
CA GLY B 61 27.16 10.73 -4.24
C GLY B 61 26.83 9.53 -3.38
N ASP B 62 26.44 9.81 -2.15
CA ASP B 62 26.23 8.78 -1.15
C ASP B 62 25.06 7.86 -1.46
N GLU B 63 24.05 8.35 -2.19
CA GLU B 63 22.92 7.53 -2.62
C GLU B 63 23.37 6.36 -3.50
N LEU B 64 24.49 6.54 -4.17
CA LEU B 64 24.99 5.50 -5.09
C LEU B 64 25.74 4.41 -4.30
N ASP B 65 26.10 4.76 -3.07
CA ASP B 65 26.98 3.92 -2.26
C ASP B 65 26.20 3.28 -1.11
N GLY B 66 25.80 2.02 -1.27
CA GLY B 66 24.97 1.36 -0.28
C GLY B 66 25.50 1.41 1.14
N LYS B 67 26.81 1.24 1.31
CA LYS B 67 27.39 1.26 2.65
C LYS B 67 27.37 2.68 3.26
N ALA B 68 27.23 3.71 2.43
CA ALA B 68 27.24 5.09 2.91
C ALA B 68 25.89 5.53 3.46
N ILE B 69 24.85 4.74 3.22
CA ILE B 69 23.49 5.12 3.62
C ILE B 69 23.10 4.45 4.94
N GLN B 70 23.44 5.10 6.06
CA GLN B 70 23.28 4.47 7.37
C GLN B 70 22.14 5.04 8.18
N GLU B 71 21.85 6.31 7.96
CA GLU B 71 20.83 6.97 8.75
C GLU B 71 19.40 6.63 8.26
N LYS B 72 18.46 6.46 9.19
CA LYS B 72 17.08 6.14 8.82
C LYS B 72 16.49 7.16 7.86
N ASP B 73 16.75 8.45 8.11
CA ASP B 73 16.26 9.53 7.26
C ASP B 73 16.76 9.43 5.82
N ALA B 74 18.03 9.10 5.66
CA ALA B 74 18.65 8.87 4.35
C ALA B 74 18.08 7.67 3.61
N LYS B 75 17.82 6.57 4.33
CA LYS B 75 17.21 5.38 3.75
C LYS B 75 15.82 5.71 3.25
N VAL B 76 15.08 6.47 4.05
CA VAL B 76 13.71 6.82 3.67
C VAL B 76 13.72 7.68 2.42
N ALA B 77 14.66 8.63 2.35
CA ALA B 77 14.79 9.54 1.22
C ALA B 77 15.18 8.82 -0.07
N TYR B 78 16.04 7.82 0.08
CA TYR B 78 16.48 7.03 -1.05
C TYR B 78 15.30 6.27 -1.66
N LEU B 79 14.51 5.63 -0.79
CA LEU B 79 13.35 4.83 -1.21
C LEU B 79 12.24 5.69 -1.82
N LYS B 80 12.01 6.84 -1.21
CA LYS B 80 10.98 7.77 -1.67
C LYS B 80 11.19 8.14 -3.14
N LYS B 81 12.44 8.40 -3.50
CA LYS B 81 12.83 8.69 -4.85
C LYS B 81 12.43 7.59 -5.84
N ILE B 82 12.91 6.36 -5.63
CA ILE B 82 12.66 5.31 -6.61
C ILE B 82 11.17 4.94 -6.63
N ILE B 83 10.50 5.01 -5.47
CA ILE B 83 9.07 4.70 -5.48
C ILE B 83 8.29 5.72 -6.33
N GLU B 84 8.60 7.00 -6.18
CA GLU B 84 7.94 8.02 -6.98
C GLU B 84 8.22 7.87 -8.48
N VAL B 85 9.46 7.59 -8.84
CA VAL B 85 9.78 7.38 -10.25
C VAL B 85 9.04 6.18 -10.85
N VAL B 86 9.01 5.06 -10.13
CA VAL B 86 8.29 3.86 -10.59
C VAL B 86 6.79 4.15 -10.73
N SER B 87 6.22 4.84 -9.75
CA SER B 87 4.80 5.17 -9.79
C SER B 87 4.46 6.06 -11.00
N MET B 88 5.32 7.04 -11.25
N MET B 88 5.32 7.03 -11.26
CA MET B 88 5.12 7.96 -12.36
CA MET B 88 5.11 7.95 -12.36
C MET B 88 5.25 7.26 -13.71
C MET B 88 5.25 7.26 -13.71
N VAL B 89 6.26 6.40 -13.84
CA VAL B 89 6.44 5.66 -15.09
C VAL B 89 5.21 4.80 -15.36
N LEU B 90 4.68 4.16 -14.33
CA LEU B 90 3.55 3.22 -14.53
C LEU B 90 2.18 3.89 -14.49
N GLY B 91 2.14 5.09 -13.93
CA GLY B 91 0.90 5.81 -13.71
C GLY B 91 0.03 5.11 -12.68
N GLU B 92 0.69 4.53 -11.67
CA GLU B 92 0.01 3.80 -10.60
C GLU B 92 0.59 4.18 -9.25
N GLN B 93 -0.25 4.33 -8.23
CA GLN B 93 0.25 4.58 -6.88
C GLN B 93 0.82 3.29 -6.27
N CYS B 94 2.13 3.25 -6.07
CA CYS B 94 2.76 2.13 -5.39
C CYS B 94 2.31 2.04 -3.92
N PRO B 95 1.92 0.86 -3.46
CA PRO B 95 1.40 0.84 -2.08
C PRO B 95 2.52 0.92 -1.01
N ALA B 96 3.77 0.64 -1.39
CA ALA B 96 4.85 0.62 -0.41
C ALA B 96 5.17 2.03 0.11
N ARG B 97 5.24 2.16 1.44
CA ARG B 97 5.67 3.40 2.07
C ARG B 97 7.08 3.28 2.63
N PRO B 98 7.97 4.25 2.30
CA PRO B 98 9.36 4.20 2.77
C PRO B 98 9.53 3.93 4.26
N ASN B 99 8.75 4.58 5.12
CA ASN B 99 8.93 4.36 6.56
C ASN B 99 8.59 2.94 6.97
N LYS B 100 7.60 2.32 6.31
CA LYS B 100 7.27 0.92 6.59
CA LYS B 100 7.29 0.92 6.61
C LYS B 100 8.43 0.02 6.13
N ILE B 101 8.93 0.30 4.94
CA ILE B 101 10.01 -0.50 4.37
C ILE B 101 11.24 -0.50 5.26
N VAL B 102 11.65 0.69 5.69
CA VAL B 102 12.83 0.83 6.52
CA VAL B 102 12.85 0.77 6.50
C VAL B 102 12.65 0.06 7.84
N ALA B 103 11.39 -0.03 8.30
CA ALA B 103 11.08 -0.73 9.55
C ALA B 103 10.95 -2.25 9.38
N GLY B 104 10.99 -2.72 8.13
CA GLY B 104 10.80 -4.13 7.86
C GLY B 104 9.34 -4.56 7.84
N LEU B 105 8.43 -3.59 7.79
CA LEU B 105 7.00 -3.87 7.87
C LEU B 105 6.44 -4.01 6.47
N GLU B 106 5.21 -4.51 6.39
CA GLU B 106 4.50 -4.76 5.13
C GLU B 106 5.41 -5.31 4.02
N PRO B 107 6.08 -6.44 4.29
CA PRO B 107 6.98 -6.93 3.25
C PRO B 107 6.26 -7.34 1.97
N GLU B 108 4.99 -7.72 2.06
CA GLU B 108 4.26 -8.02 0.83
C GLU B 108 4.05 -6.75 -0.02
N ASN B 109 3.97 -5.58 0.60
CA ASN B 109 3.93 -4.36 -0.21
C ASN B 109 5.32 -3.98 -0.77
N THR B 110 6.37 -4.34 -0.03
CA THR B 110 7.72 -4.14 -0.52
C THR B 110 7.89 -5.00 -1.77
N ASN B 111 7.28 -6.18 -1.74
CA ASN B 111 7.34 -7.04 -2.91
C ASN B 111 6.56 -6.49 -4.10
N ILE B 112 5.41 -5.87 -3.85
CA ILE B 112 4.69 -5.20 -4.91
C ILE B 112 5.53 -4.07 -5.51
N PHE B 113 6.18 -3.27 -4.68
CA PHE B 113 7.13 -2.27 -5.20
C PHE B 113 8.17 -2.92 -6.10
N LEU B 114 8.79 -4.00 -5.65
CA LEU B 114 9.80 -4.65 -6.47
C LEU B 114 9.24 -5.15 -7.80
N GLN B 115 8.02 -5.66 -7.77
CA GLN B 115 7.36 -6.12 -8.99
C GLN B 115 7.05 -4.94 -9.90
N MET B 116 6.62 -3.83 -9.32
CA MET B 116 6.37 -2.62 -10.09
C MET B 116 7.66 -2.06 -10.71
N LEU B 117 8.76 -2.13 -9.95
CA LEU B 117 10.08 -1.74 -10.46
C LEU B 117 10.42 -2.54 -11.71
N GLY B 118 10.17 -3.85 -11.64
CA GLY B 118 10.37 -4.75 -12.77
C GLY B 118 9.52 -4.38 -13.97
N ARG B 119 8.26 -4.02 -13.72
CA ARG B 119 7.36 -3.63 -14.80
C ARG B 119 7.73 -2.25 -15.37
N ALA B 120 8.16 -1.34 -14.50
CA ALA B 120 8.49 0.01 -14.94
C ALA B 120 9.73 0.03 -15.82
N CYS B 121 10.77 -0.70 -15.43
CA CYS B 121 12.04 -0.68 -16.16
C CYS B 121 11.88 -1.33 -17.53
N GLN B 122 10.81 -2.09 -17.72
CA GLN B 122 10.57 -2.68 -19.04
C GLN B 122 9.61 -1.82 -19.89
N LYS B 123 9.02 -0.82 -19.25
CA LYS B 123 8.15 0.13 -19.94
C LYS B 123 8.96 1.28 -20.54
N GLY B 124 9.98 1.71 -19.81
CA GLY B 124 10.80 2.81 -20.29
C GLY B 124 11.89 3.10 -19.27
N ASN B 125 12.79 4.04 -19.61
CA ASN B 125 13.90 4.35 -18.75
C ASN B 125 13.55 5.31 -17.61
N GLY B 126 12.35 5.90 -17.68
CA GLY B 126 11.95 6.89 -16.67
C GLY B 126 12.80 8.16 -16.56
N ALA B 127 13.49 8.52 -17.64
CA ALA B 127 14.36 9.71 -17.61
C ALA B 127 13.60 11.00 -17.26
N LYS B 128 12.46 11.22 -17.90
CA LYS B 128 11.67 12.40 -17.58
C LYS B 128 11.08 12.36 -16.18
N ALA B 129 10.62 11.19 -15.72
CA ALA B 129 10.10 11.08 -14.36
C ALA B 129 11.16 11.46 -13.34
N VAL B 130 12.39 11.04 -13.59
CA VAL B 130 13.50 11.38 -12.70
C VAL B 130 13.64 12.89 -12.59
N GLN B 131 13.60 13.58 -13.72
CA GLN B 131 13.74 15.04 -13.69
C GLN B 131 12.56 15.68 -12.96
N LYS B 132 11.37 15.11 -13.10
CA LYS B 132 10.21 15.58 -12.36
C LYS B 132 10.32 15.36 -10.85
N VAL B 133 10.81 14.18 -10.46
CA VAL B 133 10.99 13.86 -9.04
C VAL B 133 12.08 14.71 -8.40
N LEU B 134 13.16 14.94 -9.13
CA LEU B 134 14.25 15.79 -8.63
C LEU B 134 13.85 17.25 -8.49
N GLY B 135 12.83 17.67 -9.24
CA GLY B 135 12.42 19.07 -9.27
C GLY B 135 11.84 19.59 -7.96
#